data_1VGO
#
_entry.id   1VGO
#
_cell.length_a   122.880
_cell.length_b   139.480
_cell.length_c   108.100
_cell.angle_alpha   90.00
_cell.angle_beta   90.00
_cell.angle_gamma   90.00
#
_symmetry.space_group_name_H-M   'C 2 2 21'
#
loop_
_entity.id
_entity.type
_entity.pdbx_description
1 polymer 'Archaerhodopsin 2'
2 non-polymer 'nonyl beta-D-glucopyranoside'
3 non-polymer 'SULFATE ION'
4 non-polymer RETINAL
5 water water
#
_entity_poly.entity_id   1
_entity_poly.type   'polypeptide(L)'
_entity_poly.pdbx_seq_one_letter_code
;QAGFDLLNDGRPETLWLGIGTLLMLIGTFYFIARGWGVTDKEAREYYAITILVPGIASAAYLAMFFGIGVTEVELASGTV
LDIYYARYADWLFTTPLLLLDLALLAKVDRVTIGTLIGVDALMIVTGLIGALSKTPLARYTWWLFSTIAFLFVLYYLLTS
LRSAAAKRSEEVRSTFNTLTALVAVLWTAYPILWIVGTEGAGVVGLGIETLAFMVLDVTAKVGFGFVLLRSRAILGETEA
PEPSAGADASAAD
;
_entity_poly.pdbx_strand_id   A,B
#
# COMPACT_ATOMS: atom_id res chain seq x y z
N ASP A 5 32.70 -22.05 -25.10
CA ASP A 5 32.84 -23.27 -24.26
C ASP A 5 33.69 -23.00 -23.02
N LEU A 6 33.10 -22.30 -22.04
CA LEU A 6 33.80 -21.95 -20.81
C LEU A 6 34.56 -23.09 -20.13
N LEU A 7 33.87 -24.17 -19.79
CA LEU A 7 34.53 -25.30 -19.13
C LEU A 7 35.38 -26.10 -20.12
N ASN A 8 35.45 -25.61 -21.34
CA ASN A 8 36.21 -26.26 -22.40
C ASN A 8 35.96 -27.76 -22.40
N ASP A 9 34.70 -28.14 -22.23
CA ASP A 9 34.32 -29.55 -22.21
C ASP A 9 33.38 -29.91 -23.34
N GLY A 10 33.58 -29.27 -24.49
CA GLY A 10 32.76 -29.54 -25.66
C GLY A 10 31.30 -29.10 -25.59
N ARG A 11 30.99 -28.10 -24.77
CA ARG A 11 29.63 -27.61 -24.65
C ARG A 11 29.64 -26.11 -24.37
N PRO A 12 29.53 -25.30 -25.43
CA PRO A 12 29.51 -23.84 -25.39
C PRO A 12 28.27 -23.18 -24.78
N GLU A 13 27.23 -23.98 -24.54
CA GLU A 13 26.01 -23.42 -23.94
C GLU A 13 26.28 -23.04 -22.49
N THR A 14 27.42 -23.47 -21.96
CA THR A 14 27.79 -23.15 -20.58
C THR A 14 27.91 -21.63 -20.45
N LEU A 15 28.16 -20.97 -21.57
CA LEU A 15 28.28 -19.52 -21.60
C LEU A 15 26.93 -18.89 -21.21
N TRP A 16 25.84 -19.56 -21.54
CA TRP A 16 24.51 -19.05 -21.23
C TRP A 16 24.06 -19.44 -19.81
N LEU A 17 24.56 -20.58 -19.34
CA LEU A 17 24.24 -21.09 -18.01
C LEU A 17 25.00 -20.34 -16.92
N GLY A 18 26.17 -19.81 -17.30
CA GLY A 18 26.98 -19.05 -16.36
C GLY A 18 26.36 -17.69 -16.18
N ILE A 19 25.95 -17.08 -17.29
CA ILE A 19 25.29 -15.77 -17.25
C ILE A 19 23.99 -15.89 -16.46
N GLY A 20 23.29 -17.00 -16.65
CA GLY A 20 22.03 -17.23 -15.96
C GLY A 20 22.24 -17.38 -14.47
N THR A 21 23.36 -17.99 -14.11
CA THR A 21 23.70 -18.19 -12.70
C THR A 21 23.85 -16.82 -12.03
N LEU A 22 24.59 -15.93 -12.71
CA LEU A 22 24.86 -14.58 -12.22
C LEU A 22 23.62 -13.71 -12.08
N LEU A 23 22.80 -13.67 -13.13
CA LEU A 23 21.58 -12.85 -13.14
C LEU A 23 20.60 -13.34 -12.09
N MET A 24 20.58 -14.65 -11.89
CA MET A 24 19.71 -15.28 -10.92
C MET A 24 20.19 -14.91 -9.52
N LEU A 25 21.51 -14.90 -9.35
CA LEU A 25 22.13 -14.55 -8.07
C LEU A 25 21.94 -13.07 -7.78
N ILE A 26 22.18 -12.25 -8.80
CA ILE A 26 22.03 -10.80 -8.67
C ILE A 26 20.59 -10.45 -8.28
N GLY A 27 19.62 -11.05 -8.98
CA GLY A 27 18.21 -10.80 -8.68
C GLY A 27 17.84 -11.28 -7.28
N THR A 28 18.40 -12.40 -6.87
CA THR A 28 18.10 -12.92 -5.54
C THR A 28 18.60 -11.95 -4.46
N PHE A 29 19.75 -11.35 -4.69
CA PHE A 29 20.32 -10.40 -3.73
C PHE A 29 19.64 -9.05 -3.70
N TYR A 30 19.16 -8.60 -4.86
CA TYR A 30 18.46 -7.34 -4.95
C TYR A 30 17.14 -7.48 -4.19
N PHE A 31 16.51 -8.65 -4.31
CA PHE A 31 15.25 -8.90 -3.63
C PHE A 31 15.43 -8.95 -2.11
N ILE A 32 16.53 -9.53 -1.65
CA ILE A 32 16.79 -9.61 -0.21
C ILE A 32 17.07 -8.21 0.31
N ALA A 33 17.95 -7.48 -0.38
CA ALA A 33 18.32 -6.11 -0.02
C ALA A 33 17.11 -5.19 0.05
N ARG A 34 16.21 -5.33 -0.93
CA ARG A 34 15.03 -4.48 -0.97
C ARG A 34 13.97 -4.91 0.04
N GLY A 35 14.01 -6.16 0.47
CA GLY A 35 12.99 -6.61 1.41
C GLY A 35 13.42 -6.70 2.85
N TRP A 36 14.72 -6.65 3.10
CA TRP A 36 15.21 -6.76 4.45
C TRP A 36 14.63 -5.73 5.41
N GLY A 37 14.47 -4.50 4.97
CA GLY A 37 13.98 -3.47 5.86
C GLY A 37 12.49 -3.18 5.84
N VAL A 38 11.75 -3.93 5.03
CA VAL A 38 10.29 -3.78 4.93
C VAL A 38 9.65 -4.34 6.19
N THR A 39 8.80 -3.55 6.84
CA THR A 39 8.15 -4.05 8.05
C THR A 39 6.72 -4.50 7.79
N ASP A 40 6.16 -4.14 6.64
CA ASP A 40 4.80 -4.57 6.34
C ASP A 40 4.84 -6.10 6.45
N LYS A 41 4.20 -6.64 7.47
CA LYS A 41 4.20 -8.09 7.67
C LYS A 41 3.82 -8.86 6.41
N GLU A 42 2.64 -8.58 5.88
CA GLU A 42 2.18 -9.25 4.68
C GLU A 42 3.13 -9.10 3.49
N ALA A 43 3.77 -7.94 3.38
CA ALA A 43 4.69 -7.71 2.27
C ALA A 43 5.92 -8.59 2.44
N ARG A 44 6.27 -8.86 3.70
CA ARG A 44 7.44 -9.68 4.02
C ARG A 44 7.22 -11.14 3.61
N GLU A 45 5.97 -11.53 3.51
CA GLU A 45 5.68 -12.90 3.12
C GLU A 45 5.90 -13.05 1.60
N TYR A 46 5.45 -12.09 0.82
CA TYR A 46 5.66 -12.14 -0.62
C TYR A 46 7.15 -12.14 -0.92
N TYR A 47 7.90 -11.33 -0.19
CA TYR A 47 9.34 -11.26 -0.39
C TYR A 47 10.00 -12.60 -0.12
N ALA A 48 9.65 -13.25 0.98
CA ALA A 48 10.23 -14.54 1.35
C ALA A 48 10.03 -15.61 0.26
N ILE A 49 8.79 -15.68 -0.22
CA ILE A 49 8.38 -16.61 -1.26
C ILE A 49 9.11 -16.36 -2.57
N THR A 50 9.20 -15.08 -2.93
CA THR A 50 9.82 -14.64 -4.18
C THR A 50 11.34 -14.76 -4.26
N ILE A 51 12.00 -14.48 -3.14
CA ILE A 51 13.45 -14.53 -3.04
C ILE A 51 13.91 -15.96 -3.36
N LEU A 52 13.12 -16.94 -2.96
CA LEU A 52 13.44 -18.34 -3.21
C LEU A 52 13.28 -18.75 -4.67
N VAL A 53 12.60 -17.95 -5.47
CA VAL A 53 12.45 -18.33 -6.85
C VAL A 53 13.81 -18.21 -7.55
N PRO A 54 14.35 -16.99 -7.70
CA PRO A 54 15.67 -16.90 -8.35
C PRO A 54 16.77 -17.56 -7.51
N GLY A 55 16.53 -17.68 -6.20
CA GLY A 55 17.50 -18.32 -5.34
C GLY A 55 17.71 -19.78 -5.71
N ILE A 56 16.61 -20.52 -5.80
CA ILE A 56 16.66 -21.93 -6.15
C ILE A 56 17.16 -22.08 -7.59
N ALA A 57 16.79 -21.14 -8.44
CA ALA A 57 17.22 -21.17 -9.84
C ALA A 57 18.73 -20.97 -9.93
N SER A 58 19.27 -20.08 -9.08
CA SER A 58 20.70 -19.81 -9.05
C SER A 58 21.47 -21.12 -8.86
N ALA A 59 21.08 -21.87 -7.84
CA ALA A 59 21.69 -23.16 -7.52
C ALA A 59 21.54 -24.14 -8.68
N ALA A 60 20.34 -24.23 -9.23
CA ALA A 60 20.08 -25.12 -10.35
C ALA A 60 20.93 -24.71 -11.54
N TYR A 61 21.10 -23.41 -11.73
CA TYR A 61 21.90 -22.93 -12.85
C TYR A 61 23.40 -23.16 -12.62
N LEU A 62 23.82 -23.20 -11.35
CA LEU A 62 25.23 -23.44 -11.06
C LEU A 62 25.52 -24.92 -11.29
N ALA A 63 24.59 -25.76 -10.87
CA ALA A 63 24.74 -27.19 -11.05
C ALA A 63 24.86 -27.52 -12.52
N MET A 64 23.96 -26.98 -13.34
CA MET A 64 24.00 -27.23 -14.77
C MET A 64 25.29 -26.70 -15.40
N PHE A 65 25.83 -25.63 -14.84
CA PHE A 65 27.06 -25.05 -15.35
C PHE A 65 28.20 -26.04 -15.24
N PHE A 66 28.34 -26.64 -14.06
CA PHE A 66 29.39 -27.63 -13.81
C PHE A 66 28.96 -29.02 -14.27
N GLY A 67 27.92 -29.07 -15.09
CA GLY A 67 27.43 -30.35 -15.61
C GLY A 67 27.02 -31.38 -14.57
N ILE A 68 26.56 -30.92 -13.41
CA ILE A 68 26.12 -31.82 -12.34
C ILE A 68 24.70 -32.28 -12.66
N GLY A 69 24.39 -33.51 -12.30
CA GLY A 69 23.07 -34.07 -12.51
C GLY A 69 22.58 -34.28 -13.94
N VAL A 70 23.50 -34.48 -14.87
CA VAL A 70 23.09 -34.69 -16.26
C VAL A 70 23.05 -36.19 -16.58
N THR A 71 22.16 -36.57 -17.49
CA THR A 71 21.99 -37.96 -17.90
C THR A 71 21.77 -38.03 -19.41
N GLU A 72 22.29 -39.09 -20.03
CA GLU A 72 22.15 -39.27 -21.47
C GLU A 72 20.96 -40.13 -21.83
N VAL A 73 20.35 -39.79 -22.95
CA VAL A 73 19.20 -40.52 -23.44
C VAL A 73 19.38 -40.75 -24.93
N GLU A 74 19.50 -42.01 -25.31
CA GLU A 74 19.67 -42.36 -26.71
C GLU A 74 18.28 -42.56 -27.30
N LEU A 75 17.95 -41.73 -28.28
CA LEU A 75 16.66 -41.84 -28.93
C LEU A 75 16.69 -43.06 -29.85
N ALA A 76 15.55 -43.39 -30.44
CA ALA A 76 15.48 -44.54 -31.33
C ALA A 76 16.13 -44.21 -32.67
N SER A 77 16.19 -42.91 -32.98
CA SER A 77 16.77 -42.46 -34.24
C SER A 77 18.29 -42.65 -34.25
N GLY A 78 18.86 -42.81 -33.07
CA GLY A 78 20.31 -42.97 -32.96
C GLY A 78 20.87 -41.79 -32.20
N THR A 79 20.31 -40.62 -32.46
CA THR A 79 20.74 -39.39 -31.81
C THR A 79 20.66 -39.55 -30.29
N VAL A 80 21.61 -38.94 -29.59
CA VAL A 80 21.64 -39.02 -28.14
C VAL A 80 21.49 -37.62 -27.58
N LEU A 81 20.86 -37.51 -26.42
CA LEU A 81 20.68 -36.21 -25.80
C LEU A 81 21.03 -36.20 -24.31
N ASP A 82 21.45 -35.04 -23.83
CA ASP A 82 21.80 -34.86 -22.44
C ASP A 82 20.62 -34.20 -21.74
N ILE A 83 20.16 -34.81 -20.66
CA ILE A 83 19.03 -34.27 -19.91
C ILE A 83 19.50 -33.71 -18.57
N TYR A 84 19.36 -32.39 -18.39
CA TYR A 84 19.74 -31.73 -17.16
C TYR A 84 18.64 -31.86 -16.10
N TYR A 85 18.68 -32.91 -15.31
CA TYR A 85 17.71 -33.13 -14.25
C TYR A 85 17.44 -31.84 -13.46
N ALA A 86 18.50 -31.05 -13.25
CA ALA A 86 18.44 -29.81 -12.49
C ALA A 86 17.45 -28.78 -13.03
N ARG A 87 17.22 -28.79 -14.34
CA ARG A 87 16.28 -27.85 -14.92
C ARG A 87 14.86 -28.14 -14.41
N TYR A 88 14.48 -29.42 -14.40
CA TYR A 88 13.16 -29.81 -13.95
C TYR A 88 13.01 -29.75 -12.43
N ALA A 89 14.12 -29.84 -11.72
CA ALA A 89 14.11 -29.77 -10.26
C ALA A 89 13.82 -28.32 -9.89
N ASP A 90 14.43 -27.42 -10.64
CA ASP A 90 14.27 -25.98 -10.48
C ASP A 90 12.78 -25.70 -10.64
N TRP A 91 12.28 -25.91 -11.85
CA TRP A 91 10.89 -25.68 -12.19
C TRP A 91 9.91 -26.35 -11.24
N LEU A 92 10.25 -27.55 -10.79
CA LEU A 92 9.39 -28.30 -9.89
C LEU A 92 9.09 -27.54 -8.61
N PHE A 93 10.09 -26.84 -8.09
CA PHE A 93 9.94 -26.10 -6.84
C PHE A 93 9.68 -24.61 -7.05
N THR A 94 10.07 -24.11 -8.21
CA THR A 94 9.93 -22.72 -8.54
C THR A 94 8.56 -22.27 -9.06
N THR A 95 7.98 -23.01 -9.99
CA THR A 95 6.68 -22.62 -10.52
C THR A 95 5.62 -22.62 -9.42
N PRO A 96 5.68 -23.57 -8.46
CA PRO A 96 4.69 -23.59 -7.37
C PRO A 96 4.80 -22.31 -6.52
N LEU A 97 6.02 -21.88 -6.24
CA LEU A 97 6.22 -20.65 -5.47
C LEU A 97 5.65 -19.43 -6.19
N LEU A 98 5.86 -19.34 -7.50
CA LEU A 98 5.33 -18.21 -8.27
C LEU A 98 3.79 -18.29 -8.22
N LEU A 99 3.27 -19.50 -8.35
CA LEU A 99 1.82 -19.70 -8.31
C LEU A 99 1.26 -19.29 -6.96
N LEU A 100 2.08 -19.40 -5.93
CA LEU A 100 1.66 -19.05 -4.57
C LEU A 100 1.55 -17.54 -4.45
N ASP A 101 2.43 -16.80 -5.12
CA ASP A 101 2.33 -15.35 -5.05
C ASP A 101 0.96 -14.98 -5.59
N LEU A 102 0.57 -15.59 -6.71
CA LEU A 102 -0.72 -15.32 -7.33
C LEU A 102 -1.88 -15.72 -6.43
N ALA A 103 -1.77 -16.89 -5.79
CA ALA A 103 -2.83 -17.37 -4.89
C ALA A 103 -3.00 -16.40 -3.73
N LEU A 104 -1.89 -15.88 -3.22
CA LEU A 104 -1.91 -14.93 -2.12
C LEU A 104 -2.64 -13.65 -2.53
N LEU A 105 -2.22 -13.07 -3.65
CA LEU A 105 -2.85 -11.85 -4.16
C LEU A 105 -4.35 -12.00 -4.34
N ALA A 106 -4.76 -13.15 -4.85
CA ALA A 106 -6.16 -13.44 -5.10
C ALA A 106 -6.94 -13.80 -3.84
N LYS A 107 -6.23 -14.32 -2.84
CA LYS A 107 -6.86 -14.72 -1.59
C LYS A 107 -7.77 -15.93 -1.76
N VAL A 108 -7.42 -16.84 -2.67
CA VAL A 108 -8.21 -18.04 -2.88
C VAL A 108 -8.04 -18.93 -1.65
N ASP A 109 -8.84 -19.98 -1.53
CA ASP A 109 -8.72 -20.86 -0.35
C ASP A 109 -7.61 -21.89 -0.53
N ARG A 110 -7.30 -22.59 0.55
CA ARG A 110 -6.23 -23.59 0.57
C ARG A 110 -6.46 -24.79 -0.35
N VAL A 111 -7.71 -25.17 -0.57
CA VAL A 111 -7.99 -26.29 -1.44
C VAL A 111 -7.62 -25.96 -2.89
N THR A 112 -8.04 -24.78 -3.34
CA THR A 112 -7.75 -24.32 -4.70
C THR A 112 -6.24 -24.30 -4.90
N ILE A 113 -5.54 -23.66 -3.97
CA ILE A 113 -4.09 -23.58 -4.02
C ILE A 113 -3.54 -24.98 -4.19
N GLY A 114 -4.05 -25.89 -3.36
CA GLY A 114 -3.63 -27.28 -3.40
C GLY A 114 -3.84 -27.94 -4.74
N THR A 115 -5.01 -27.78 -5.36
CA THR A 115 -5.18 -28.42 -6.65
C THR A 115 -4.34 -27.69 -7.71
N LEU A 116 -4.12 -26.38 -7.53
CA LEU A 116 -3.31 -25.58 -8.44
C LEU A 116 -1.85 -26.04 -8.43
N ILE A 117 -1.28 -26.15 -7.23
CA ILE A 117 0.10 -26.57 -7.10
C ILE A 117 0.24 -28.01 -7.58
N GLY A 118 -0.73 -28.84 -7.20
CA GLY A 118 -0.71 -30.23 -7.61
C GLY A 118 -0.64 -30.38 -9.13
N VAL A 119 -1.48 -29.62 -9.83
CA VAL A 119 -1.51 -29.68 -11.29
C VAL A 119 -0.24 -29.11 -11.91
N ASP A 120 0.37 -28.15 -11.25
CA ASP A 120 1.61 -27.57 -11.75
C ASP A 120 2.74 -28.60 -11.63
N ALA A 121 2.81 -29.31 -10.49
CA ALA A 121 3.81 -30.35 -10.29
C ALA A 121 3.70 -31.43 -11.38
N LEU A 122 2.47 -31.80 -11.70
CA LEU A 122 2.20 -32.81 -12.73
C LEU A 122 2.82 -32.36 -14.05
N MET A 123 2.56 -31.10 -14.40
CA MET A 123 3.08 -30.50 -15.62
C MET A 123 4.61 -30.65 -15.72
N ILE A 124 5.33 -30.30 -14.66
CA ILE A 124 6.77 -30.43 -14.70
C ILE A 124 7.23 -31.90 -14.78
N VAL A 125 6.67 -32.73 -13.90
CA VAL A 125 7.03 -34.14 -13.84
C VAL A 125 6.77 -34.88 -15.15
N THR A 126 5.61 -34.67 -15.76
CA THR A 126 5.32 -35.34 -17.02
C THR A 126 6.24 -34.80 -18.11
N GLY A 127 6.59 -33.53 -18.01
CA GLY A 127 7.48 -32.93 -19.00
C GLY A 127 8.85 -33.58 -18.92
N LEU A 128 9.28 -33.91 -17.70
CA LEU A 128 10.56 -34.57 -17.49
C LEU A 128 10.51 -36.01 -18.00
N ILE A 129 9.34 -36.63 -17.88
CA ILE A 129 9.19 -37.99 -18.35
C ILE A 129 9.28 -38.00 -19.87
N GLY A 130 8.84 -36.89 -20.48
CA GLY A 130 8.91 -36.79 -21.92
C GLY A 130 10.36 -36.66 -22.38
N ALA A 131 11.11 -35.85 -21.65
CA ALA A 131 12.52 -35.60 -21.95
C ALA A 131 13.36 -36.86 -21.82
N LEU A 132 12.95 -37.77 -20.96
CA LEU A 132 13.67 -39.02 -20.75
C LEU A 132 13.19 -40.11 -21.70
N SER A 133 12.18 -39.82 -22.50
CA SER A 133 11.63 -40.81 -23.41
C SER A 133 12.48 -41.07 -24.65
N LYS A 134 12.45 -42.34 -25.07
CA LYS A 134 13.25 -42.86 -26.16
C LYS A 134 12.68 -42.71 -27.57
N THR A 135 11.37 -42.58 -27.69
CA THR A 135 10.73 -42.46 -29.00
C THR A 135 9.95 -41.16 -29.21
N PRO A 136 9.85 -40.69 -30.46
CA PRO A 136 9.09 -39.46 -30.65
C PRO A 136 7.64 -39.61 -30.19
N LEU A 137 7.06 -40.79 -30.35
CA LEU A 137 5.69 -41.04 -29.92
C LEU A 137 5.59 -40.89 -28.40
N ALA A 138 6.57 -41.43 -27.69
CA ALA A 138 6.59 -41.34 -26.23
C ALA A 138 6.88 -39.92 -25.75
N ARG A 139 7.79 -39.24 -26.44
CA ARG A 139 8.16 -37.89 -26.05
C ARG A 139 7.05 -36.89 -26.26
N TYR A 140 6.41 -36.96 -27.42
CA TYR A 140 5.35 -36.04 -27.76
C TYR A 140 4.05 -36.34 -27.03
N THR A 141 3.93 -37.55 -26.49
CA THR A 141 2.73 -37.94 -25.75
C THR A 141 2.79 -37.24 -24.40
N TRP A 142 3.94 -37.30 -23.76
CA TRP A 142 4.10 -36.67 -22.46
C TRP A 142 4.12 -35.16 -22.58
N TRP A 143 4.73 -34.67 -23.66
CA TRP A 143 4.78 -33.25 -23.92
C TRP A 143 3.33 -32.73 -24.00
N LEU A 144 2.48 -33.45 -24.75
CA LEU A 144 1.08 -33.06 -24.93
C LEU A 144 0.31 -33.09 -23.61
N PHE A 145 0.55 -34.13 -22.82
CA PHE A 145 -0.13 -34.25 -21.55
C PHE A 145 0.27 -33.11 -20.61
N SER A 146 1.57 -32.81 -20.59
CA SER A 146 2.15 -31.77 -19.76
C SER A 146 1.64 -30.40 -20.19
N THR A 147 1.42 -30.26 -21.48
CA THR A 147 0.94 -29.03 -22.03
C THR A 147 -0.53 -28.86 -21.66
N ILE A 148 -1.26 -29.95 -21.55
CA ILE A 148 -2.66 -29.87 -21.18
C ILE A 148 -2.75 -29.44 -19.71
N ALA A 149 -1.82 -29.91 -18.90
CA ALA A 149 -1.78 -29.51 -17.49
C ALA A 149 -1.47 -28.01 -17.42
N PHE A 150 -0.66 -27.52 -18.35
CA PHE A 150 -0.32 -26.10 -18.39
C PHE A 150 -1.60 -25.30 -18.63
N LEU A 151 -2.43 -25.82 -19.52
CA LEU A 151 -3.69 -25.18 -19.85
C LEU A 151 -4.61 -25.19 -18.61
N PHE A 152 -4.47 -26.20 -17.76
CA PHE A 152 -5.25 -26.29 -16.53
C PHE A 152 -4.82 -25.18 -15.57
N VAL A 153 -3.51 -24.96 -15.48
CA VAL A 153 -2.96 -23.91 -14.63
C VAL A 153 -3.51 -22.57 -15.15
N LEU A 154 -3.37 -22.36 -16.46
CA LEU A 154 -3.85 -21.14 -17.11
C LEU A 154 -5.33 -20.92 -16.82
N TYR A 155 -6.12 -22.00 -16.87
CA TYR A 155 -7.55 -21.92 -16.60
C TYR A 155 -7.84 -21.47 -15.17
N TYR A 156 -7.10 -21.99 -14.20
CA TYR A 156 -7.32 -21.58 -12.82
C TYR A 156 -7.08 -20.10 -12.61
N LEU A 157 -6.03 -19.59 -13.24
CA LEU A 157 -5.63 -18.19 -13.14
C LEU A 157 -6.63 -17.23 -13.75
N LEU A 158 -7.11 -17.57 -14.94
CA LEU A 158 -8.05 -16.75 -15.68
C LEU A 158 -9.49 -16.86 -15.18
N THR A 159 -9.76 -17.83 -14.31
CA THR A 159 -11.12 -17.97 -13.79
C THR A 159 -11.20 -17.82 -12.27
N SER A 160 -10.95 -18.90 -11.53
CA SER A 160 -11.01 -18.86 -10.07
C SER A 160 -10.18 -17.74 -9.44
N LEU A 161 -8.86 -17.82 -9.58
CA LEU A 161 -7.98 -16.82 -8.98
C LEU A 161 -8.32 -15.40 -9.42
N ARG A 162 -8.59 -15.23 -10.71
CA ARG A 162 -8.91 -13.92 -11.27
C ARG A 162 -10.23 -13.41 -10.75
N SER A 163 -11.14 -14.33 -10.48
CA SER A 163 -12.45 -13.95 -9.97
C SER A 163 -12.29 -13.46 -8.53
N ALA A 164 -11.60 -14.26 -7.73
CA ALA A 164 -11.35 -13.94 -6.33
C ALA A 164 -10.55 -12.64 -6.17
N ALA A 165 -9.59 -12.43 -7.05
CA ALA A 165 -8.78 -11.23 -6.97
C ALA A 165 -9.59 -9.98 -7.32
N ALA A 166 -10.64 -10.16 -8.10
CA ALA A 166 -11.51 -9.05 -8.52
C ALA A 166 -12.29 -8.52 -7.33
N LYS A 167 -12.45 -9.37 -6.32
CA LYS A 167 -13.15 -9.01 -5.09
C LYS A 167 -12.28 -8.13 -4.20
N ARG A 168 -11.02 -7.95 -4.58
CA ARG A 168 -10.10 -7.14 -3.80
C ARG A 168 -9.99 -5.73 -4.36
N SER A 169 -9.15 -4.91 -3.73
CA SER A 169 -8.96 -3.54 -4.17
C SER A 169 -8.41 -3.45 -5.61
N GLU A 170 -8.62 -2.29 -6.22
CA GLU A 170 -8.17 -2.03 -7.57
C GLU A 170 -6.67 -2.32 -7.71
N GLU A 171 -5.88 -1.80 -6.78
CA GLU A 171 -4.43 -1.99 -6.82
C GLU A 171 -4.06 -3.48 -6.87
N VAL A 172 -4.65 -4.27 -5.99
CA VAL A 172 -4.39 -5.69 -5.93
C VAL A 172 -4.84 -6.33 -7.24
N ARG A 173 -6.06 -6.04 -7.63
CA ARG A 173 -6.64 -6.58 -8.85
C ARG A 173 -5.78 -6.25 -10.08
N SER A 174 -5.29 -5.02 -10.13
CA SER A 174 -4.46 -4.59 -11.24
C SER A 174 -3.16 -5.38 -11.36
N THR A 175 -2.43 -5.49 -10.24
CA THR A 175 -1.17 -6.23 -10.23
C THR A 175 -1.35 -7.72 -10.53
N PHE A 176 -2.44 -8.30 -10.05
CA PHE A 176 -2.72 -9.71 -10.29
C PHE A 176 -2.90 -9.95 -11.79
N ASN A 177 -3.66 -9.06 -12.44
CA ASN A 177 -3.93 -9.16 -13.87
C ASN A 177 -2.67 -8.97 -14.71
N THR A 178 -1.83 -8.04 -14.30
CA THR A 178 -0.58 -7.78 -15.01
C THR A 178 0.28 -9.06 -14.98
N LEU A 179 0.52 -9.56 -13.77
CA LEU A 179 1.33 -10.77 -13.57
C LEU A 179 0.76 -12.03 -14.20
N THR A 180 -0.56 -12.09 -14.29
CA THR A 180 -1.21 -13.25 -14.89
C THR A 180 -0.98 -13.19 -16.41
N ALA A 181 -0.99 -11.98 -16.95
CA ALA A 181 -0.77 -11.81 -18.38
C ALA A 181 0.68 -12.17 -18.67
N LEU A 182 1.57 -11.83 -17.74
CA LEU A 182 3.00 -12.09 -17.87
C LEU A 182 3.25 -13.61 -17.89
N VAL A 183 2.47 -14.34 -17.11
CA VAL A 183 2.58 -15.79 -17.09
C VAL A 183 2.04 -16.37 -18.41
N ALA A 184 0.93 -15.80 -18.89
CA ALA A 184 0.28 -16.27 -20.11
C ALA A 184 1.16 -16.13 -21.34
N VAL A 185 2.07 -15.15 -21.31
CA VAL A 185 2.95 -14.94 -22.45
C VAL A 185 4.28 -15.66 -22.27
N LEU A 186 4.84 -15.57 -21.06
CA LEU A 186 6.11 -16.18 -20.77
C LEU A 186 6.09 -17.71 -20.65
N TRP A 187 5.15 -18.22 -19.87
CA TRP A 187 5.04 -19.66 -19.65
C TRP A 187 4.64 -20.41 -20.92
N THR A 188 3.86 -19.75 -21.76
CA THR A 188 3.42 -20.37 -22.99
C THR A 188 4.61 -20.67 -23.89
N ALA A 189 5.68 -19.90 -23.71
CA ALA A 189 6.89 -20.08 -24.51
C ALA A 189 7.64 -21.39 -24.23
N TYR A 190 7.57 -21.89 -23.00
CA TYR A 190 8.30 -23.13 -22.68
C TYR A 190 7.86 -24.33 -23.53
N PRO A 191 6.57 -24.68 -23.53
CA PRO A 191 6.19 -25.81 -24.37
C PRO A 191 6.58 -25.63 -25.84
N ILE A 192 6.46 -24.40 -26.35
CA ILE A 192 6.79 -24.11 -27.74
C ILE A 192 8.29 -24.27 -28.02
N LEU A 193 9.12 -23.74 -27.14
CA LEU A 193 10.57 -23.83 -27.29
C LEU A 193 11.07 -25.28 -27.19
N TRP A 194 10.36 -26.09 -26.40
CA TRP A 194 10.69 -27.49 -26.16
C TRP A 194 10.39 -28.32 -27.40
N ILE A 195 9.19 -28.13 -27.95
CA ILE A 195 8.72 -28.86 -29.13
C ILE A 195 9.45 -28.50 -30.42
N VAL A 196 10.02 -27.30 -30.49
CA VAL A 196 10.76 -26.90 -31.70
C VAL A 196 12.26 -26.94 -31.44
N GLY A 197 12.64 -27.31 -30.22
CA GLY A 197 14.04 -27.37 -29.86
C GLY A 197 14.62 -28.77 -30.04
N THR A 198 15.77 -29.02 -29.40
CA THR A 198 16.44 -30.31 -29.49
C THR A 198 15.58 -31.45 -28.94
N GLU A 199 14.55 -31.11 -28.17
CA GLU A 199 13.69 -32.15 -27.62
C GLU A 199 12.60 -32.50 -28.61
N GLY A 200 12.37 -31.63 -29.59
CA GLY A 200 11.32 -31.88 -30.57
C GLY A 200 11.68 -31.91 -32.04
N ALA A 201 11.23 -30.91 -32.78
CA ALA A 201 11.50 -30.81 -34.21
C ALA A 201 12.94 -30.49 -34.57
N GLY A 202 13.72 -30.02 -33.59
CA GLY A 202 15.10 -29.70 -33.84
C GLY A 202 15.41 -28.52 -34.75
N VAL A 203 14.48 -27.56 -34.83
CA VAL A 203 14.71 -26.38 -35.67
C VAL A 203 15.75 -25.46 -35.02
N VAL A 204 15.84 -25.53 -33.70
CA VAL A 204 16.78 -24.70 -32.94
C VAL A 204 17.82 -25.56 -32.24
N GLY A 205 19.09 -25.18 -32.38
CA GLY A 205 20.16 -25.92 -31.76
C GLY A 205 20.23 -25.74 -30.25
N LEU A 206 20.95 -26.64 -29.59
CA LEU A 206 21.09 -26.60 -28.15
C LEU A 206 21.62 -25.27 -27.61
N GLY A 207 22.42 -24.59 -28.43
CA GLY A 207 22.99 -23.33 -28.00
C GLY A 207 21.99 -22.21 -27.86
N ILE A 208 21.17 -22.03 -28.90
CA ILE A 208 20.13 -21.00 -28.89
C ILE A 208 19.04 -21.38 -27.89
N GLU A 209 18.67 -22.66 -27.89
CA GLU A 209 17.64 -23.13 -26.98
C GLU A 209 17.99 -22.71 -25.55
N THR A 210 19.23 -22.99 -25.15
CA THR A 210 19.69 -22.63 -23.80
C THR A 210 19.67 -21.13 -23.60
N LEU A 211 20.06 -20.40 -24.64
CA LEU A 211 20.03 -18.93 -24.59
C LEU A 211 18.59 -18.48 -24.39
N ALA A 212 17.67 -19.09 -25.12
CA ALA A 212 16.25 -18.75 -25.02
C ALA A 212 15.64 -19.11 -23.65
N PHE A 213 15.99 -20.28 -23.10
CA PHE A 213 15.46 -20.68 -21.80
C PHE A 213 15.98 -19.80 -20.68
N MET A 214 17.21 -19.33 -20.84
CA MET A 214 17.85 -18.47 -19.86
C MET A 214 17.11 -17.14 -19.84
N VAL A 215 16.82 -16.61 -21.02
CA VAL A 215 16.11 -15.36 -21.13
C VAL A 215 14.73 -15.56 -20.50
N LEU A 216 14.03 -16.62 -20.91
CA LEU A 216 12.71 -16.91 -20.35
C LEU A 216 12.75 -17.09 -18.84
N ASP A 217 13.68 -17.90 -18.34
CA ASP A 217 13.76 -18.13 -16.91
C ASP A 217 14.02 -16.87 -16.10
N VAL A 218 14.92 -16.01 -16.56
CA VAL A 218 15.23 -14.80 -15.81
C VAL A 218 14.10 -13.80 -15.80
N THR A 219 13.39 -13.70 -16.92
CA THR A 219 12.27 -12.77 -17.03
C THR A 219 11.11 -13.23 -16.16
N ALA A 220 10.88 -14.55 -16.18
CA ALA A 220 9.79 -15.17 -15.44
C ALA A 220 10.02 -15.26 -13.94
N LYS A 221 11.24 -14.97 -13.51
CA LYS A 221 11.59 -15.05 -12.09
C LYS A 221 12.00 -13.71 -11.50
N VAL A 222 12.99 -13.07 -12.10
CA VAL A 222 13.46 -11.78 -11.63
C VAL A 222 12.54 -10.69 -12.19
N GLY A 223 12.14 -10.85 -13.45
CA GLY A 223 11.24 -9.88 -14.05
C GLY A 223 9.91 -9.90 -13.33
N PHE A 224 9.32 -11.09 -13.27
CA PHE A 224 8.05 -11.29 -12.59
C PHE A 224 8.19 -10.79 -11.14
N GLY A 225 9.23 -11.24 -10.46
CA GLY A 225 9.45 -10.86 -9.08
C GLY A 225 9.56 -9.35 -8.87
N PHE A 226 10.20 -8.68 -9.81
CA PHE A 226 10.37 -7.24 -9.72
C PHE A 226 9.01 -6.53 -9.82
N VAL A 227 8.20 -6.91 -10.81
CA VAL A 227 6.89 -6.33 -11.00
C VAL A 227 6.05 -6.45 -9.73
N LEU A 228 6.05 -7.63 -9.13
CA LEU A 228 5.29 -7.89 -7.90
C LEU A 228 5.80 -7.10 -6.70
N LEU A 229 7.06 -7.34 -6.35
CA LEU A 229 7.70 -6.73 -5.20
C LEU A 229 7.73 -5.19 -5.14
N ARG A 230 7.64 -4.52 -6.28
CA ARG A 230 7.66 -3.06 -6.28
C ARG A 230 6.24 -2.49 -6.33
N SER A 231 5.24 -3.36 -6.21
CA SER A 231 3.88 -2.89 -6.28
C SER A 231 3.23 -2.70 -4.92
N ARG A 232 2.31 -1.75 -4.85
CA ARG A 232 1.57 -1.45 -3.64
C ARG A 232 0.63 -2.59 -3.27
N ALA A 233 0.44 -3.55 -4.17
CA ALA A 233 -0.45 -4.69 -3.94
C ALA A 233 -0.01 -5.71 -2.87
N ILE A 234 1.27 -5.71 -2.50
CA ILE A 234 1.74 -6.64 -1.48
C ILE A 234 1.70 -5.98 -0.08
N LEU A 235 1.16 -4.77 -0.02
CA LEU A 235 1.01 -4.02 1.23
C LEU A 235 -0.35 -4.30 1.87
N GLY A 236 -0.41 -4.27 3.20
CA GLY A 236 -1.65 -4.48 3.91
C GLY A 236 -2.27 -5.86 3.76
N GLU A 237 -3.28 -6.15 4.57
CA GLU A 237 -3.96 -7.44 4.54
C GLU A 237 -5.38 -7.34 5.08
N ASP B 5 -26.75 21.57 33.32
CA ASP B 5 -25.62 22.21 34.07
C ASP B 5 -25.03 21.24 35.10
N LEU B 6 -24.29 20.25 34.59
CA LEU B 6 -23.66 19.21 35.42
C LEU B 6 -22.88 19.72 36.62
N LEU B 7 -21.89 20.57 36.39
CA LEU B 7 -21.08 21.10 37.47
C LEU B 7 -21.75 22.23 38.26
N ASN B 8 -23.03 22.46 37.98
CA ASN B 8 -23.80 23.51 38.64
C ASN B 8 -23.04 24.82 38.82
N ASP B 9 -22.62 25.40 37.70
CA ASP B 9 -21.89 26.67 37.71
C ASP B 9 -22.49 27.63 36.68
N GLY B 10 -23.77 27.43 36.38
CA GLY B 10 -24.48 28.29 35.44
C GLY B 10 -24.20 28.02 33.97
N ARG B 11 -23.24 27.14 33.70
CA ARG B 11 -22.90 26.82 32.32
C ARG B 11 -23.40 25.46 31.90
N PRO B 12 -24.64 25.40 31.37
CA PRO B 12 -25.24 24.14 30.92
C PRO B 12 -24.61 23.61 29.63
N GLU B 13 -23.55 24.27 29.15
CA GLU B 13 -22.90 23.81 27.94
C GLU B 13 -21.86 22.74 28.29
N THR B 14 -21.62 22.56 29.59
CA THR B 14 -20.68 21.54 30.05
C THR B 14 -21.24 20.17 29.66
N LEU B 15 -22.53 20.15 29.32
CA LEU B 15 -23.22 18.94 28.90
C LEU B 15 -22.53 18.48 27.63
N TRP B 16 -22.36 19.42 26.70
CA TRP B 16 -21.72 19.17 25.43
C TRP B 16 -20.22 18.96 25.59
N LEU B 17 -19.61 19.76 26.45
CA LEU B 17 -18.18 19.66 26.70
C LEU B 17 -17.83 18.27 27.24
N GLY B 18 -18.79 17.64 27.91
CA GLY B 18 -18.57 16.32 28.47
C GLY B 18 -18.67 15.23 27.42
N ILE B 19 -19.79 15.21 26.70
CA ILE B 19 -19.98 14.23 25.64
C ILE B 19 -18.79 14.29 24.70
N GLY B 20 -18.32 15.51 24.45
CA GLY B 20 -17.20 15.72 23.56
C GLY B 20 -15.93 15.14 24.13
N THR B 21 -15.81 15.16 25.45
CA THR B 21 -14.62 14.61 26.10
C THR B 21 -14.62 13.10 25.87
N LEU B 22 -15.77 12.48 26.12
CA LEU B 22 -15.91 11.05 25.95
C LEU B 22 -15.69 10.66 24.50
N LEU B 23 -16.54 11.19 23.62
CA LEU B 23 -16.47 10.89 22.20
C LEU B 23 -15.06 10.99 21.62
N MET B 24 -14.28 11.92 22.15
CA MET B 24 -12.91 12.11 21.68
C MET B 24 -11.99 11.03 22.25
N LEU B 25 -12.34 10.55 23.45
CA LEU B 25 -11.59 9.49 24.12
C LEU B 25 -11.82 8.19 23.36
N ILE B 26 -13.09 7.89 23.12
CA ILE B 26 -13.48 6.68 22.40
C ILE B 26 -12.79 6.61 21.05
N GLY B 27 -12.74 7.74 20.36
CA GLY B 27 -12.08 7.78 19.06
C GLY B 27 -10.61 7.54 19.22
N THR B 28 -10.01 8.15 20.24
CA THR B 28 -8.58 7.97 20.51
C THR B 28 -8.26 6.50 20.79
N PHE B 29 -9.01 5.89 21.70
CA PHE B 29 -8.81 4.50 22.07
C PHE B 29 -9.04 3.58 20.88
N TYR B 30 -10.03 3.91 20.07
CA TYR B 30 -10.33 3.10 18.91
C TYR B 30 -9.16 3.11 17.92
N PHE B 31 -8.55 4.27 17.70
CA PHE B 31 -7.44 4.37 16.77
C PHE B 31 -6.23 3.59 17.27
N ILE B 32 -5.97 3.68 18.57
CA ILE B 32 -4.86 2.99 19.20
C ILE B 32 -5.05 1.46 19.09
N ALA B 33 -6.23 1.00 19.48
CA ALA B 33 -6.54 -0.43 19.43
C ALA B 33 -6.36 -0.97 18.00
N ARG B 34 -6.76 -0.16 17.03
CA ARG B 34 -6.69 -0.53 15.62
C ARG B 34 -5.28 -0.42 15.04
N GLY B 35 -4.47 0.46 15.62
CA GLY B 35 -3.12 0.64 15.12
C GLY B 35 -2.14 -0.31 15.76
N TRP B 36 -2.54 -0.85 16.91
CA TRP B 36 -1.70 -1.78 17.66
C TRP B 36 -1.09 -2.88 16.80
N GLY B 37 -1.88 -3.44 15.88
CA GLY B 37 -1.39 -4.52 15.03
C GLY B 37 -0.85 -4.16 13.66
N VAL B 38 -0.74 -2.86 13.36
CA VAL B 38 -0.23 -2.44 12.07
C VAL B 38 1.29 -2.52 12.03
N THR B 39 1.83 -3.20 11.02
CA THR B 39 3.28 -3.31 10.90
C THR B 39 3.78 -2.42 9.75
N ASP B 40 2.94 -2.22 8.74
CA ASP B 40 3.28 -1.37 7.60
C ASP B 40 3.97 -0.12 8.13
N LYS B 41 5.14 0.19 7.57
CA LYS B 41 5.97 1.34 7.94
C LYS B 41 5.27 2.71 7.97
N GLU B 42 4.89 3.20 6.80
CA GLU B 42 4.25 4.50 6.70
C GLU B 42 2.90 4.51 7.39
N ALA B 43 2.19 3.40 7.31
CA ALA B 43 0.89 3.30 7.94
C ALA B 43 1.02 3.63 9.43
N ARG B 44 2.13 3.22 10.05
CA ARG B 44 2.34 3.47 11.46
C ARG B 44 2.58 4.93 11.80
N GLU B 45 3.07 5.68 10.82
CA GLU B 45 3.33 7.11 10.98
C GLU B 45 1.99 7.84 11.03
N TYR B 46 1.10 7.47 10.12
CA TYR B 46 -0.21 8.09 10.09
C TYR B 46 -0.96 7.87 11.41
N TYR B 47 -0.92 6.64 11.92
CA TYR B 47 -1.58 6.32 13.18
C TYR B 47 -1.06 7.18 14.32
N ALA B 48 0.25 7.19 14.52
CA ALA B 48 0.86 7.97 15.59
C ALA B 48 0.37 9.42 15.56
N ILE B 49 0.40 10.02 14.38
CA ILE B 49 -0.01 11.40 14.18
C ILE B 49 -1.50 11.59 14.44
N THR B 50 -2.31 10.73 13.82
CA THR B 50 -3.76 10.84 13.94
C THR B 50 -4.27 10.53 15.34
N ILE B 51 -3.64 9.59 16.04
CA ILE B 51 -4.05 9.24 17.39
C ILE B 51 -3.96 10.49 18.27
N LEU B 52 -2.90 11.27 18.08
CA LEU B 52 -2.69 12.48 18.87
C LEU B 52 -3.78 13.51 18.68
N VAL B 53 -4.42 13.51 17.51
CA VAL B 53 -5.45 14.50 17.25
C VAL B 53 -6.59 14.39 18.25
N PRO B 54 -7.35 13.28 18.23
CA PRO B 54 -8.44 13.22 19.21
C PRO B 54 -7.85 13.11 20.62
N GLY B 55 -6.62 12.63 20.71
CA GLY B 55 -5.99 12.53 22.01
C GLY B 55 -5.89 13.90 22.64
N ILE B 56 -5.18 14.80 21.97
CA ILE B 56 -5.01 16.17 22.46
C ILE B 56 -6.36 16.84 22.66
N ALA B 57 -7.31 16.52 21.78
CA ALA B 57 -8.63 17.12 21.83
C ALA B 57 -9.45 16.77 23.07
N SER B 58 -9.36 15.51 23.49
CA SER B 58 -10.09 15.05 24.68
C SER B 58 -9.52 15.70 25.95
N ALA B 59 -8.23 16.03 25.92
CA ALA B 59 -7.56 16.66 27.05
C ALA B 59 -7.92 18.14 27.14
N ALA B 60 -8.23 18.72 25.99
CA ALA B 60 -8.61 20.13 25.94
C ALA B 60 -10.08 20.26 26.33
N TYR B 61 -10.86 19.21 26.05
CA TYR B 61 -12.28 19.22 26.39
C TYR B 61 -12.49 18.97 27.89
N LEU B 62 -11.61 18.17 28.48
CA LEU B 62 -11.71 17.89 29.91
C LEU B 62 -11.45 19.19 30.65
N ALA B 63 -10.48 19.96 30.18
CA ALA B 63 -10.13 21.24 30.78
C ALA B 63 -11.28 22.22 30.62
N MET B 64 -11.82 22.35 29.40
CA MET B 64 -12.95 23.25 29.15
C MET B 64 -14.13 22.81 30.01
N PHE B 65 -14.23 21.50 30.24
CA PHE B 65 -15.31 20.95 31.04
C PHE B 65 -15.26 21.48 32.48
N PHE B 66 -14.10 21.35 33.11
CA PHE B 66 -13.92 21.83 34.48
C PHE B 66 -13.80 23.36 34.44
N GLY B 67 -13.93 23.92 33.24
CA GLY B 67 -13.82 25.37 33.08
C GLY B 67 -12.46 25.82 33.56
N ILE B 68 -11.43 25.07 33.16
CA ILE B 68 -10.06 25.35 33.58
C ILE B 68 -9.35 26.52 32.90
N GLY B 69 -9.50 26.67 31.59
CA GLY B 69 -8.82 27.77 30.93
C GLY B 69 -9.70 28.85 30.32
N VAL B 70 -10.65 29.35 31.10
CA VAL B 70 -11.58 30.37 30.62
C VAL B 70 -11.39 31.72 31.30
N THR B 71 -11.66 32.79 30.56
CA THR B 71 -11.57 34.15 31.07
C THR B 71 -12.81 34.86 30.56
N GLU B 72 -13.03 36.08 31.04
CA GLU B 72 -14.21 36.82 30.60
C GLU B 72 -13.82 38.07 29.84
N VAL B 73 -14.66 38.42 28.89
CA VAL B 73 -14.45 39.61 28.08
C VAL B 73 -15.79 40.30 27.98
N GLU B 74 -15.97 41.37 28.75
CA GLU B 74 -17.22 42.10 28.73
C GLU B 74 -17.26 42.99 27.48
N LEU B 75 -18.18 42.68 26.58
CA LEU B 75 -18.31 43.43 25.34
C LEU B 75 -18.72 44.87 25.61
N ALA B 76 -18.87 45.65 24.54
CA ALA B 76 -19.26 47.04 24.64
C ALA B 76 -20.78 47.12 24.80
N SER B 77 -21.44 46.00 24.53
CA SER B 77 -22.90 45.90 24.65
C SER B 77 -23.28 45.56 26.08
N GLY B 78 -22.29 45.56 26.96
CA GLY B 78 -22.54 45.26 28.37
C GLY B 78 -22.55 43.78 28.68
N THR B 79 -22.86 42.96 27.68
CA THR B 79 -22.91 41.51 27.83
C THR B 79 -21.50 40.89 27.86
N VAL B 80 -21.13 40.30 29.00
CA VAL B 80 -19.81 39.67 29.18
C VAL B 80 -19.74 38.25 28.65
N LEU B 81 -18.62 37.90 28.04
CA LEU B 81 -18.43 36.57 27.48
C LEU B 81 -17.25 35.83 28.13
N ASP B 82 -17.42 34.50 28.22
CA ASP B 82 -16.40 33.62 28.79
C ASP B 82 -15.68 32.87 27.66
N ILE B 83 -14.39 33.13 27.52
CA ILE B 83 -13.58 32.52 26.47
C ILE B 83 -12.73 31.34 26.92
N TYR B 84 -12.90 30.21 26.23
CA TYR B 84 -12.16 28.99 26.53
C TYR B 84 -10.82 28.97 25.80
N TYR B 85 -9.74 29.11 26.55
CA TYR B 85 -8.40 29.09 25.97
C TYR B 85 -8.03 27.72 25.44
N ALA B 86 -8.48 26.68 26.14
CA ALA B 86 -8.19 25.32 25.74
C ALA B 86 -8.65 25.05 24.30
N ARG B 87 -9.80 25.59 23.93
CA ARG B 87 -10.34 25.41 22.58
C ARG B 87 -9.33 25.81 21.50
N TYR B 88 -8.66 26.93 21.71
CA TYR B 88 -7.69 27.42 20.74
C TYR B 88 -6.34 26.72 20.84
N ALA B 89 -5.94 26.33 22.05
CA ALA B 89 -4.67 25.61 22.21
C ALA B 89 -4.88 24.23 21.58
N ASP B 90 -6.11 23.75 21.62
CA ASP B 90 -6.45 22.47 21.02
C ASP B 90 -6.22 22.60 19.51
N TRP B 91 -6.98 23.50 18.89
CA TRP B 91 -6.85 23.72 17.44
C TRP B 91 -5.44 24.09 17.01
N LEU B 92 -4.67 24.70 17.90
CA LEU B 92 -3.31 25.11 17.59
C LEU B 92 -2.38 23.92 17.36
N PHE B 93 -2.67 22.80 18.01
CA PHE B 93 -1.83 21.61 17.85
C PHE B 93 -2.51 20.57 16.98
N THR B 94 -3.82 20.51 17.08
CA THR B 94 -4.60 19.56 16.31
C THR B 94 -4.67 19.82 14.80
N THR B 95 -4.97 21.06 14.41
CA THR B 95 -5.05 21.35 12.98
C THR B 95 -3.70 21.15 12.28
N PRO B 96 -2.59 21.41 12.98
CA PRO B 96 -1.30 21.20 12.32
C PRO B 96 -1.05 19.71 12.04
N LEU B 97 -1.53 18.85 12.93
CA LEU B 97 -1.34 17.40 12.80
C LEU B 97 -2.19 16.82 11.67
N LEU B 98 -3.40 17.35 11.51
CA LEU B 98 -4.28 16.89 10.44
C LEU B 98 -3.67 17.32 9.10
N LEU B 99 -3.13 18.53 9.04
CA LEU B 99 -2.51 19.02 7.82
C LEU B 99 -1.31 18.15 7.50
N LEU B 100 -0.61 17.70 8.52
CA LEU B 100 0.55 16.86 8.33
C LEU B 100 0.15 15.57 7.64
N ASP B 101 -0.99 15.01 8.04
CA ASP B 101 -1.44 13.77 7.42
C ASP B 101 -1.52 13.98 5.92
N LEU B 102 -2.16 15.07 5.52
CA LEU B 102 -2.33 15.41 4.11
C LEU B 102 -0.99 15.64 3.44
N ALA B 103 -0.09 16.33 4.14
CA ALA B 103 1.23 16.62 3.60
C ALA B 103 2.01 15.33 3.35
N LEU B 104 1.87 14.39 4.26
CA LEU B 104 2.55 13.11 4.14
C LEU B 104 1.90 12.32 3.02
N LEU B 105 0.59 12.48 2.90
CA LEU B 105 -0.16 11.77 1.89
C LEU B 105 0.20 12.22 0.48
N ALA B 106 0.51 13.51 0.35
CA ALA B 106 0.85 14.11 -0.94
C ALA B 106 2.34 14.03 -1.26
N LYS B 107 3.16 13.79 -0.24
CA LYS B 107 4.61 13.70 -0.40
C LYS B 107 5.20 15.03 -0.87
N VAL B 108 4.77 16.13 -0.25
CA VAL B 108 5.27 17.45 -0.60
C VAL B 108 6.55 17.76 0.17
N ASP B 109 7.28 18.78 -0.29
CA ASP B 109 8.54 19.16 0.33
C ASP B 109 8.39 19.75 1.72
N ARG B 110 9.51 19.76 2.46
CA ARG B 110 9.52 20.28 3.80
C ARG B 110 9.26 21.79 3.87
N VAL B 111 9.64 22.50 2.81
CA VAL B 111 9.44 23.95 2.77
C VAL B 111 7.93 24.24 2.72
N THR B 112 7.23 23.60 1.80
CA THR B 112 5.79 23.78 1.66
C THR B 112 5.05 23.40 2.97
N ILE B 113 5.51 22.35 3.63
CA ILE B 113 4.90 21.91 4.89
C ILE B 113 5.05 22.96 6.00
N GLY B 114 6.23 23.58 6.07
CA GLY B 114 6.48 24.58 7.09
C GLY B 114 5.59 25.80 6.92
N THR B 115 5.37 26.18 5.67
CA THR B 115 4.54 27.32 5.35
C THR B 115 3.09 26.99 5.70
N LEU B 116 2.70 25.76 5.38
CA LEU B 116 1.36 25.26 5.64
C LEU B 116 1.01 25.37 7.12
N ILE B 117 1.85 24.79 7.96
CA ILE B 117 1.60 24.82 9.40
C ILE B 117 1.66 26.24 9.92
N GLY B 118 2.57 27.03 9.34
CA GLY B 118 2.73 28.41 9.76
C GLY B 118 1.49 29.25 9.59
N VAL B 119 0.92 29.23 8.38
CA VAL B 119 -0.28 30.00 8.11
C VAL B 119 -1.43 29.46 8.97
N ASP B 120 -1.43 28.16 9.21
CA ASP B 120 -2.45 27.50 10.00
C ASP B 120 -2.39 27.94 11.47
N ALA B 121 -1.18 28.09 11.99
CA ALA B 121 -1.00 28.50 13.37
C ALA B 121 -1.43 29.96 13.49
N LEU B 122 -1.13 30.73 12.45
CA LEU B 122 -1.49 32.14 12.37
C LEU B 122 -3.01 32.27 12.38
N MET B 123 -3.68 31.31 11.74
CA MET B 123 -5.14 31.30 11.66
C MET B 123 -5.80 31.13 13.03
N ILE B 124 -5.30 30.19 13.82
CA ILE B 124 -5.84 29.94 15.15
C ILE B 124 -5.54 31.07 16.12
N VAL B 125 -4.28 31.52 16.15
CA VAL B 125 -3.90 32.60 17.06
C VAL B 125 -4.67 33.91 16.81
N THR B 126 -4.86 34.27 15.54
CA THR B 126 -5.60 35.49 15.23
C THR B 126 -7.05 35.29 15.65
N GLY B 127 -7.58 34.10 15.35
CA GLY B 127 -8.94 33.80 15.75
C GLY B 127 -9.08 33.94 17.24
N LEU B 128 -7.98 33.69 17.96
CA LEU B 128 -7.98 33.79 19.42
C LEU B 128 -8.03 35.25 19.83
N ILE B 129 -7.17 36.05 19.21
CA ILE B 129 -7.13 37.47 19.50
C ILE B 129 -8.49 38.11 19.26
N GLY B 130 -9.14 37.74 18.16
CA GLY B 130 -10.44 38.29 17.85
C GLY B 130 -11.47 37.95 18.91
N ALA B 131 -11.55 36.68 19.27
CA ALA B 131 -12.49 36.23 20.28
C ALA B 131 -12.34 37.06 21.56
N LEU B 132 -11.11 37.50 21.81
CA LEU B 132 -10.77 38.29 22.99
C LEU B 132 -10.99 39.80 22.81
N SER B 133 -11.51 40.19 21.64
CA SER B 133 -11.76 41.59 21.34
C SER B 133 -13.15 42.07 21.77
N LYS B 134 -13.19 43.27 22.33
CA LYS B 134 -14.41 43.89 22.85
C LYS B 134 -15.42 44.45 21.85
N THR B 135 -14.93 45.15 20.83
CA THR B 135 -15.83 45.73 19.83
C THR B 135 -16.01 44.88 18.58
N PRO B 136 -17.23 44.90 18.01
CA PRO B 136 -17.56 44.13 16.80
C PRO B 136 -16.71 44.50 15.59
N LEU B 137 -16.09 45.68 15.63
CA LEU B 137 -15.25 46.11 14.52
C LEU B 137 -13.90 45.40 14.62
N ALA B 138 -13.41 45.23 15.85
CA ALA B 138 -12.14 44.56 16.07
C ALA B 138 -12.29 43.07 15.76
N ARG B 139 -13.39 42.49 16.22
CA ARG B 139 -13.64 41.08 16.00
C ARG B 139 -13.74 40.70 14.52
N TYR B 140 -14.14 41.64 13.68
CA TYR B 140 -14.23 41.33 12.25
C TYR B 140 -12.87 41.42 11.60
N THR B 141 -12.06 42.35 12.07
CA THR B 141 -10.72 42.55 11.53
C THR B 141 -9.90 41.30 11.77
N TRP B 142 -9.92 40.83 13.00
CA TRP B 142 -9.19 39.62 13.37
C TRP B 142 -9.78 38.40 12.69
N TRP B 143 -11.10 38.42 12.49
CA TRP B 143 -11.80 37.33 11.82
C TRP B 143 -11.40 37.27 10.34
N LEU B 144 -11.29 38.45 9.71
CA LEU B 144 -10.94 38.53 8.30
C LEU B 144 -9.48 38.12 8.15
N PHE B 145 -8.65 38.56 9.09
CA PHE B 145 -7.23 38.24 9.10
C PHE B 145 -7.07 36.72 9.17
N SER B 146 -7.94 36.10 9.96
CA SER B 146 -7.93 34.65 10.17
C SER B 146 -8.53 33.88 9.00
N THR B 147 -9.63 34.38 8.45
CA THR B 147 -10.26 33.70 7.33
C THR B 147 -9.36 33.76 6.10
N ILE B 148 -8.48 34.76 6.07
CA ILE B 148 -7.57 34.90 4.95
C ILE B 148 -6.51 33.82 5.03
N ALA B 149 -5.89 33.70 6.21
CA ALA B 149 -4.90 32.67 6.45
C ALA B 149 -5.54 31.30 6.09
N PHE B 150 -6.80 31.13 6.46
CA PHE B 150 -7.52 29.89 6.16
C PHE B 150 -7.63 29.66 4.66
N LEU B 151 -7.89 30.72 3.91
CA LEU B 151 -8.00 30.61 2.45
C LEU B 151 -6.65 30.20 1.90
N PHE B 152 -5.58 30.65 2.56
CA PHE B 152 -4.23 30.31 2.14
C PHE B 152 -3.98 28.83 2.42
N VAL B 153 -4.51 28.35 3.54
CA VAL B 153 -4.38 26.96 3.90
C VAL B 153 -5.03 26.18 2.77
N LEU B 154 -6.29 26.51 2.48
CA LEU B 154 -7.02 25.84 1.42
C LEU B 154 -6.27 25.89 0.11
N TYR B 155 -5.61 27.02 -0.15
CA TYR B 155 -4.84 27.22 -1.37
C TYR B 155 -3.66 26.24 -1.55
N TYR B 156 -2.78 26.14 -0.55
CA TYR B 156 -1.65 25.21 -0.65
C TYR B 156 -2.18 23.77 -0.74
N LEU B 157 -3.34 23.54 -0.14
CA LEU B 157 -3.95 22.21 -0.13
C LEU B 157 -4.48 21.84 -1.51
N LEU B 158 -5.19 22.79 -2.13
CA LEU B 158 -5.79 22.61 -3.44
C LEU B 158 -4.86 22.80 -4.65
N THR B 159 -3.64 23.29 -4.43
CA THR B 159 -2.69 23.46 -5.53
C THR B 159 -1.46 22.60 -5.31
N SER B 160 -0.55 23.05 -4.45
CA SER B 160 0.69 22.32 -4.16
C SER B 160 0.48 20.87 -3.75
N LEU B 161 -0.07 20.65 -2.56
CA LEU B 161 -0.31 19.29 -2.08
C LEU B 161 -1.04 18.46 -3.14
N ARG B 162 -2.14 19.00 -3.67
CA ARG B 162 -2.89 18.26 -4.67
C ARG B 162 -2.08 17.89 -5.91
N SER B 163 -1.28 18.81 -6.43
CA SER B 163 -0.50 18.49 -7.62
C SER B 163 0.61 17.47 -7.28
N ALA B 164 1.06 17.47 -6.03
CA ALA B 164 2.09 16.52 -5.62
C ALA B 164 1.44 15.16 -5.41
N ALA B 165 0.22 15.18 -4.86
CA ALA B 165 -0.51 13.95 -4.62
C ALA B 165 -0.90 13.33 -5.95
N ALA B 166 -1.00 14.17 -6.99
CA ALA B 166 -1.36 13.72 -8.33
C ALA B 166 -0.30 12.76 -8.86
N LYS B 167 0.95 12.99 -8.46
CA LYS B 167 2.05 12.15 -8.89
C LYS B 167 2.07 10.79 -8.18
N ARG B 168 1.36 10.67 -7.05
CA ARG B 168 1.31 9.41 -6.32
C ARG B 168 0.37 8.47 -7.08
N SER B 169 0.03 7.34 -6.48
CA SER B 169 -0.86 6.38 -7.13
C SER B 169 -2.31 6.78 -6.98
N GLU B 170 -3.18 6.09 -7.69
CA GLU B 170 -4.61 6.36 -7.69
C GLU B 170 -5.23 6.17 -6.31
N GLU B 171 -4.78 5.13 -5.64
CA GLU B 171 -5.24 4.74 -4.31
C GLU B 171 -5.00 5.87 -3.32
N VAL B 172 -3.79 6.41 -3.36
CA VAL B 172 -3.42 7.50 -2.48
C VAL B 172 -4.08 8.82 -2.86
N ARG B 173 -4.04 9.19 -4.15
CA ARG B 173 -4.65 10.46 -4.56
C ARG B 173 -6.17 10.46 -4.44
N SER B 174 -6.76 9.26 -4.44
CA SER B 174 -8.20 9.17 -4.28
C SER B 174 -8.58 9.55 -2.85
N THR B 175 -7.76 9.16 -1.89
CA THR B 175 -8.02 9.43 -0.47
C THR B 175 -7.63 10.87 -0.10
N PHE B 176 -6.56 11.36 -0.72
CA PHE B 176 -6.11 12.72 -0.50
C PHE B 176 -7.25 13.65 -0.88
N ASN B 177 -7.76 13.45 -2.09
CA ASN B 177 -8.85 14.27 -2.62
C ASN B 177 -10.07 14.20 -1.73
N THR B 178 -10.45 12.97 -1.37
CA THR B 178 -11.60 12.78 -0.48
C THR B 178 -11.40 13.58 0.80
N LEU B 179 -10.23 13.43 1.42
CA LEU B 179 -9.93 14.12 2.68
C LEU B 179 -9.77 15.62 2.53
N THR B 180 -9.32 16.03 1.36
CA THR B 180 -9.13 17.45 1.11
C THR B 180 -10.48 18.10 0.84
N ALA B 181 -11.41 17.33 0.27
CA ALA B 181 -12.75 17.85 0.00
C ALA B 181 -13.44 17.97 1.35
N LEU B 182 -13.23 16.96 2.18
CA LEU B 182 -13.81 16.95 3.52
C LEU B 182 -13.33 18.17 4.27
N VAL B 183 -12.02 18.40 4.29
CA VAL B 183 -11.46 19.55 5.00
C VAL B 183 -12.03 20.87 4.47
N ALA B 184 -12.10 20.99 3.15
CA ALA B 184 -12.59 22.19 2.51
C ALA B 184 -13.98 22.56 3.00
N VAL B 185 -14.89 21.58 2.99
CA VAL B 185 -16.26 21.84 3.42
C VAL B 185 -16.39 21.96 4.93
N LEU B 186 -15.90 20.96 5.66
CA LEU B 186 -15.97 20.92 7.12
C LEU B 186 -15.30 22.11 7.83
N TRP B 187 -14.04 22.38 7.48
CA TRP B 187 -13.34 23.49 8.10
C TRP B 187 -13.95 24.85 7.80
N THR B 188 -14.67 24.94 6.68
CA THR B 188 -15.30 26.21 6.30
C THR B 188 -16.43 26.58 7.28
N ALA B 189 -16.97 25.59 7.99
CA ALA B 189 -18.05 25.85 8.94
C ALA B 189 -17.58 26.56 10.21
N TYR B 190 -16.28 26.54 10.49
CA TYR B 190 -15.77 27.17 11.71
C TYR B 190 -15.87 28.70 11.67
N PRO B 191 -15.33 29.33 10.62
CA PRO B 191 -15.41 30.80 10.56
C PRO B 191 -16.88 31.26 10.52
N ILE B 192 -17.72 30.48 9.86
CA ILE B 192 -19.12 30.79 9.75
C ILE B 192 -19.82 30.76 11.09
N LEU B 193 -19.74 29.61 11.76
CA LEU B 193 -20.35 29.45 13.07
C LEU B 193 -19.82 30.49 14.04
N TRP B 194 -18.55 30.84 13.88
CA TRP B 194 -17.93 31.82 14.76
C TRP B 194 -18.57 33.19 14.58
N ILE B 195 -18.71 33.62 13.34
CA ILE B 195 -19.26 34.93 13.02
C ILE B 195 -20.77 35.07 13.26
N VAL B 196 -21.49 33.95 13.15
CA VAL B 196 -22.93 33.98 13.39
C VAL B 196 -23.22 33.62 14.85
N GLY B 197 -22.24 33.03 15.51
CA GLY B 197 -22.40 32.64 16.91
C GLY B 197 -22.33 33.81 17.86
N THR B 198 -21.92 33.52 19.09
CA THR B 198 -21.81 34.53 20.14
C THR B 198 -20.72 35.58 19.92
N GLU B 199 -19.84 35.36 18.95
CA GLU B 199 -18.78 36.33 18.68
C GLU B 199 -19.20 37.35 17.62
N GLY B 200 -20.29 37.05 16.93
CA GLY B 200 -20.78 37.94 15.89
C GLY B 200 -22.26 38.27 15.98
N ALA B 201 -23.04 37.74 15.04
CA ALA B 201 -24.48 37.97 14.92
C ALA B 201 -25.32 37.57 16.13
N GLY B 202 -24.93 36.50 16.80
CA GLY B 202 -25.68 36.05 17.96
C GLY B 202 -26.93 35.25 17.63
N VAL B 203 -27.05 34.75 16.40
CA VAL B 203 -28.22 33.96 16.03
C VAL B 203 -28.21 32.64 16.79
N VAL B 204 -27.11 32.40 17.50
CA VAL B 204 -26.95 31.17 18.26
C VAL B 204 -26.34 31.50 19.63
N GLY B 205 -26.90 30.92 20.68
CA GLY B 205 -26.40 31.15 22.02
C GLY B 205 -25.24 30.25 22.36
N LEU B 206 -24.60 30.51 23.49
CA LEU B 206 -23.45 29.73 23.96
C LEU B 206 -23.69 28.23 23.98
N GLY B 207 -24.94 27.83 24.18
CA GLY B 207 -25.27 26.41 24.23
C GLY B 207 -25.14 25.68 22.91
N ILE B 208 -26.07 25.94 22.00
CA ILE B 208 -26.06 25.32 20.68
C ILE B 208 -24.72 25.47 19.95
N GLU B 209 -24.05 26.60 20.17
CA GLU B 209 -22.77 26.83 19.51
C GLU B 209 -21.77 25.77 19.97
N THR B 210 -21.67 25.61 21.29
CA THR B 210 -20.77 24.64 21.89
C THR B 210 -21.06 23.24 21.35
N LEU B 211 -22.34 22.96 21.11
CA LEU B 211 -22.78 21.67 20.60
C LEU B 211 -22.37 21.54 19.13
N ALA B 212 -22.51 22.63 18.38
CA ALA B 212 -22.15 22.64 16.97
C ALA B 212 -20.65 22.47 16.78
N PHE B 213 -19.86 23.16 17.60
CA PHE B 213 -18.41 23.04 17.52
C PHE B 213 -17.97 21.62 17.85
N MET B 214 -18.59 21.05 18.88
CA MET B 214 -18.27 19.69 19.32
C MET B 214 -18.55 18.70 18.19
N VAL B 215 -19.67 18.88 17.50
CA VAL B 215 -20.01 18.00 16.39
C VAL B 215 -19.01 18.18 15.25
N LEU B 216 -18.59 19.43 15.02
CA LEU B 216 -17.63 19.71 13.97
C LEU B 216 -16.26 19.17 14.37
N ASP B 217 -15.88 19.39 15.63
CA ASP B 217 -14.60 18.93 16.12
C ASP B 217 -14.47 17.42 15.97
N VAL B 218 -15.50 16.69 16.38
CA VAL B 218 -15.50 15.22 16.31
C VAL B 218 -15.48 14.71 14.89
N THR B 219 -16.24 15.34 14.01
CA THR B 219 -16.27 14.92 12.62
C THR B 219 -14.92 15.19 11.96
N ALA B 220 -14.30 16.30 12.34
CA ALA B 220 -13.01 16.71 11.80
C ALA B 220 -11.82 15.96 12.41
N LYS B 221 -12.05 15.21 13.46
CA LYS B 221 -10.97 14.48 14.11
C LYS B 221 -11.20 12.97 14.05
N VAL B 222 -12.32 12.51 14.61
CA VAL B 222 -12.63 11.09 14.61
C VAL B 222 -13.13 10.63 13.22
N GLY B 223 -13.95 11.46 12.57
CA GLY B 223 -14.47 11.11 11.26
C GLY B 223 -13.37 11.10 10.20
N PHE B 224 -12.57 12.17 10.22
CA PHE B 224 -11.46 12.32 9.29
C PHE B 224 -10.48 11.16 9.55
N GLY B 225 -10.13 10.98 10.82
CA GLY B 225 -9.21 9.91 11.21
C GLY B 225 -9.68 8.54 10.79
N PHE B 226 -10.98 8.31 10.87
CA PHE B 226 -11.55 7.02 10.50
C PHE B 226 -11.42 6.75 9.01
N VAL B 227 -11.70 7.77 8.19
CA VAL B 227 -11.61 7.62 6.74
C VAL B 227 -10.17 7.43 6.26
N LEU B 228 -9.23 8.07 6.94
CA LEU B 228 -7.82 7.98 6.58
C LEU B 228 -7.14 6.67 6.98
N LEU B 229 -7.26 6.34 8.27
CA LEU B 229 -6.65 5.15 8.84
C LEU B 229 -7.28 3.86 8.38
N ARG B 230 -8.42 3.98 7.72
CA ARG B 230 -9.17 2.84 7.21
C ARG B 230 -8.81 2.51 5.76
N SER B 231 -8.00 3.35 5.12
CA SER B 231 -7.65 3.10 3.73
C SER B 231 -6.23 2.64 3.47
N ARG B 232 -6.06 2.08 2.27
CA ARG B 232 -4.79 1.54 1.82
C ARG B 232 -3.77 2.61 1.51
N ALA B 233 -4.24 3.85 1.35
CA ALA B 233 -3.38 4.97 1.01
C ALA B 233 -2.28 5.24 2.04
N ILE B 234 -2.52 4.91 3.32
CA ILE B 234 -1.49 5.13 4.33
C ILE B 234 -0.44 4.04 4.28
N LEU B 235 -0.75 2.97 3.53
CA LEU B 235 0.16 1.85 3.36
C LEU B 235 1.37 2.34 2.58
N GLY B 236 2.56 1.97 3.01
CA GLY B 236 3.74 2.43 2.31
C GLY B 236 5.07 1.94 2.85
N GLU B 237 5.93 1.50 1.94
CA GLU B 237 7.28 1.03 2.25
C GLU B 237 8.17 1.70 1.23
N THR B 238 7.55 2.53 0.38
CA THR B 238 8.20 3.30 -0.68
C THR B 238 9.07 2.53 -1.68
N GLU B 239 10.06 3.22 -2.22
CA GLU B 239 11.00 2.67 -3.20
C GLU B 239 12.42 2.82 -2.69
#